data_7RKE
#
_entry.id   7RKE
#
_cell.length_a   56.027
_cell.length_b   83.943
_cell.length_c   58.662
_cell.angle_alpha   90.000
_cell.angle_beta   108.660
_cell.angle_gamma   90.000
#
_symmetry.space_group_name_H-M   'P 1 21 1'
#
loop_
_entity.id
_entity.type
_entity.pdbx_description
1 polymer 'Estrogen receptor'
2 polymer 'Nuclear receptor coactivator 2'
3 non-polymer 4-{[(2-chloro-5-phenylthieno[2,3-d]pyrimidin-4-yl)amino]methyl}phenol
4 water water
#
loop_
_entity_poly.entity_id
_entity_poly.type
_entity_poly.pdbx_seq_one_letter_code
_entity_poly.pdbx_strand_id
1 'polypeptide(L)'
;SLALSLTADQMVSALLDAEPPILYSEYDPTRPFSEASMMGLLTNLADRELVHMINWAKRVPGFVDLTLHDQVHLLECAWL
EILMIGLVWRSMEHPGKLLFAPNLLLDRNQGKCVEGMVEIFDMLLATSSRFRMMNLQGEEFVCLKSIILLNSGVYTFLSS
TLKSLEEKDHIHRVLDKITDTLIHLMAKAGLTLQQQHQRLAQLLLILSHIRHMSNKGMEHLYSMKCKNVVPLSDLLLEML
DAHRLHAPTS
;
A,B
2 'polypeptide(L)' HKILHRLLQD C,D
#
# COMPACT_ATOMS: atom_id res chain seq x y z
N LEU A 4 13.45 20.65 9.32
CA LEU A 4 13.66 20.94 7.90
C LEU A 4 14.97 21.66 7.64
N SER A 5 15.81 21.78 8.67
CA SER A 5 17.09 22.48 8.55
C SER A 5 18.28 21.54 8.38
N LEU A 6 18.13 20.26 8.71
CA LEU A 6 19.23 19.31 8.62
C LEU A 6 19.72 19.16 7.18
N THR A 7 21.03 18.94 7.02
CA THR A 7 21.53 18.45 5.75
C THR A 7 21.15 16.98 5.55
N ALA A 8 21.19 16.54 4.29
CA ALA A 8 20.94 15.12 4.01
C ALA A 8 21.86 14.23 4.84
N ASP A 9 23.14 14.59 4.94
CA ASP A 9 24.08 13.79 5.73
C ASP A 9 23.74 13.82 7.21
N GLN A 10 23.31 14.98 7.72
CA GLN A 10 22.87 15.07 9.10
C GLN A 10 21.58 14.30 9.32
N MET A 11 20.70 14.30 8.31
CA MET A 11 19.49 13.49 8.37
C MET A 11 19.84 12.01 8.49
N VAL A 12 20.78 11.55 7.64
CA VAL A 12 21.16 10.13 7.66
C VAL A 12 21.79 9.76 8.99
N SER A 13 22.66 10.62 9.53
CA SER A 13 23.32 10.29 10.79
C SER A 13 22.33 10.35 11.95
N ALA A 14 21.37 11.27 11.91
CA ALA A 14 20.33 11.31 12.94
C ALA A 14 19.53 10.02 12.95
N LEU A 15 19.12 9.54 11.77
CA LEU A 15 18.34 8.30 11.71
C LEU A 15 19.18 7.10 12.11
N LEU A 16 20.46 7.07 11.72
CA LEU A 16 21.31 5.96 12.12
C LEU A 16 21.47 5.89 13.63
N ASP A 17 21.69 7.04 14.27
CA ASP A 17 21.92 7.04 15.71
C ASP A 17 20.66 6.64 16.48
N ALA A 18 19.49 6.86 15.89
CA ALA A 18 18.23 6.56 16.56
C ALA A 18 17.81 5.10 16.45
N GLU A 19 18.53 4.29 15.69
CA GLU A 19 18.15 2.90 15.47
C GLU A 19 17.94 2.16 16.80
N PRO A 20 16.86 1.38 16.91
CA PRO A 20 16.59 0.65 18.15
C PRO A 20 17.52 -0.54 18.29
N PRO A 21 17.66 -1.09 19.49
CA PRO A 21 18.48 -2.30 19.65
C PRO A 21 17.81 -3.55 19.09
N ILE A 22 18.64 -4.58 18.90
CA ILE A 22 18.16 -5.91 18.54
C ILE A 22 18.00 -6.74 19.80
N LEU A 23 16.80 -7.23 20.04
CA LEU A 23 16.44 -7.95 21.26
C LEU A 23 16.48 -9.46 21.06
N TYR A 24 16.63 -10.17 22.18
CA TYR A 24 16.54 -11.62 22.20
C TYR A 24 15.13 -12.06 22.58
N SER A 25 14.75 -13.25 22.12
CA SER A 25 13.48 -13.83 22.53
C SER A 25 13.73 -14.75 23.73
N PHE A 33 8.76 -25.79 20.80
CA PHE A 33 7.83 -25.36 19.76
C PHE A 33 6.53 -26.14 19.62
N SER A 34 5.49 -25.54 20.20
CA SER A 34 4.09 -25.69 19.84
C SER A 34 3.65 -24.40 19.13
N GLU A 35 2.44 -24.39 18.61
CA GLU A 35 1.95 -23.17 17.93
C GLU A 35 1.51 -22.14 18.96
N ALA A 36 1.06 -22.61 20.11
CA ALA A 36 0.81 -21.65 21.19
C ALA A 36 2.11 -21.03 21.65
N SER A 37 3.20 -21.81 21.60
CA SER A 37 4.46 -21.34 22.15
C SER A 37 5.18 -20.43 21.18
N MET A 38 5.20 -20.79 19.89
CA MET A 38 5.87 -19.91 18.91
C MET A 38 5.24 -18.53 18.90
N MET A 39 3.91 -18.47 18.85
CA MET A 39 3.32 -17.13 18.75
C MET A 39 3.43 -16.40 20.07
N GLY A 40 3.53 -17.13 21.18
CA GLY A 40 3.94 -16.49 22.42
C GLY A 40 5.25 -15.75 22.28
N LEU A 41 6.25 -16.41 21.68
CA LEU A 41 7.54 -15.76 21.46
C LEU A 41 7.39 -14.54 20.56
N LEU A 42 6.62 -14.66 19.49
CA LEU A 42 6.53 -13.58 18.51
C LEU A 42 5.82 -12.36 19.10
N THR A 43 4.69 -12.59 19.78
CA THR A 43 3.97 -11.48 20.39
C THR A 43 4.73 -10.87 21.56
N ASN A 44 5.44 -11.70 22.35
CA ASN A 44 6.26 -11.14 23.42
C ASN A 44 7.39 -10.29 22.85
N LEU A 45 8.02 -10.78 21.79
CA LEU A 45 9.06 -9.99 21.12
C LEU A 45 8.49 -8.71 20.52
N ALA A 46 7.32 -8.80 19.88
CA ALA A 46 6.74 -7.62 19.26
C ALA A 46 6.41 -6.55 20.30
N ASP A 47 5.90 -6.96 21.46
CA ASP A 47 5.62 -6.02 22.53
C ASP A 47 6.88 -5.30 22.98
N ARG A 48 7.96 -6.03 23.20
CA ARG A 48 9.20 -5.39 23.61
C ARG A 48 9.77 -4.52 22.50
N GLU A 49 9.66 -4.94 21.24
CA GLU A 49 10.18 -4.09 20.18
C GLU A 49 9.35 -2.81 20.04
N LEU A 50 8.05 -2.87 20.34
CA LEU A 50 7.19 -1.71 20.24
C LEU A 50 7.62 -0.60 21.21
N VAL A 51 8.03 -0.98 22.42
CA VAL A 51 8.47 0.02 23.38
C VAL A 51 9.71 0.76 22.85
N HIS A 52 10.67 0.02 22.29
CA HIS A 52 11.83 0.67 21.70
C HIS A 52 11.46 1.51 20.47
N MET A 53 10.47 1.05 19.70
CA MET A 53 9.94 1.82 18.58
C MET A 53 9.53 3.22 18.97
N ILE A 54 8.87 3.37 20.11
N ILE A 54 8.83 3.35 20.10
CA ILE A 54 8.39 4.69 20.51
CA ILE A 54 8.38 4.67 20.57
C ILE A 54 9.56 5.62 20.77
C ILE A 54 9.57 5.61 20.72
N ASN A 55 10.64 5.10 21.35
CA ASN A 55 11.85 5.90 21.54
C ASN A 55 12.47 6.33 20.21
N TRP A 56 12.50 5.40 19.25
CA TRP A 56 13.02 5.73 17.93
C TRP A 56 12.14 6.76 17.24
N ALA A 57 10.82 6.60 17.33
CA ALA A 57 9.90 7.53 16.67
C ALA A 57 10.14 8.95 17.16
N LYS A 58 10.39 9.10 18.46
CA LYS A 58 10.63 10.42 19.03
C LYS A 58 11.93 11.03 18.52
N ARG A 59 12.80 10.25 17.88
CA ARG A 59 14.07 10.75 17.37
C ARG A 59 14.07 10.87 15.85
N VAL A 60 12.98 10.51 15.17
CA VAL A 60 12.84 10.77 13.74
C VAL A 60 12.56 12.26 13.59
N PRO A 61 13.42 13.00 12.88
CA PRO A 61 13.23 14.45 12.77
C PRO A 61 11.86 14.77 12.19
N GLY A 62 11.23 15.82 12.74
CA GLY A 62 9.87 16.19 12.39
C GLY A 62 8.81 15.60 13.29
N PHE A 63 9.05 14.40 13.84
CA PHE A 63 8.02 13.71 14.61
C PHE A 63 7.71 14.43 15.91
N VAL A 64 8.75 14.97 16.58
CA VAL A 64 8.52 15.64 17.85
C VAL A 64 7.73 16.93 17.66
N ASP A 65 7.75 17.51 16.45
CA ASP A 65 6.96 18.70 16.16
C ASP A 65 5.46 18.45 16.19
N LEU A 66 5.03 17.19 16.07
CA LEU A 66 3.61 16.90 15.96
C LEU A 66 2.94 16.89 17.33
N THR A 67 1.62 17.08 17.32
CA THR A 67 0.84 16.94 18.54
C THR A 67 0.86 15.50 19.01
N LEU A 68 0.72 15.29 20.32
CA LEU A 68 0.74 13.93 20.94
C LEU A 68 -0.30 13.05 20.23
N HIS A 69 -1.48 13.60 19.96
CA HIS A 69 -2.53 12.81 19.32
C HIS A 69 -2.15 12.43 17.88
N ASP A 70 -1.46 13.32 17.17
CA ASP A 70 -0.99 12.96 15.83
C ASP A 70 0.11 11.91 15.90
N GLN A 71 0.99 12.01 16.91
CA GLN A 71 2.01 10.98 17.12
C GLN A 71 1.36 9.65 17.43
N VAL A 72 0.30 9.65 18.24
CA VAL A 72 -0.38 8.40 18.58
C VAL A 72 -1.00 7.79 17.34
N HIS A 73 -1.72 8.61 16.55
CA HIS A 73 -2.36 8.12 15.34
C HIS A 73 -1.34 7.49 14.38
N LEU A 74 -0.22 8.19 14.13
CA LEU A 74 0.77 7.68 13.18
C LEU A 74 1.39 6.37 13.66
N LEU A 75 1.69 6.26 14.95
CA LEU A 75 2.26 5.00 15.45
C LEU A 75 1.22 3.90 15.46
N GLU A 76 -0.04 4.21 15.81
CA GLU A 76 -1.10 3.20 15.75
C GLU A 76 -1.26 2.65 14.33
N CYS A 77 -1.09 3.50 13.33
CA CYS A 77 -1.26 3.06 11.95
C CYS A 77 -0.07 2.22 11.48
N ALA A 78 1.14 2.64 11.83
CA ALA A 78 2.35 2.15 11.17
C ALA A 78 3.11 1.10 11.97
N TRP A 79 2.73 0.82 13.21
CA TRP A 79 3.63 0.06 14.09
C TRP A 79 3.98 -1.30 13.50
N LEU A 80 3.00 -2.03 12.96
CA LEU A 80 3.32 -3.38 12.49
C LEU A 80 4.10 -3.33 11.19
N GLU A 81 3.83 -2.33 10.33
CA GLU A 81 4.67 -2.13 9.16
C GLU A 81 6.12 -1.89 9.56
N ILE A 82 6.33 -1.10 10.61
CA ILE A 82 7.68 -0.81 11.09
C ILE A 82 8.35 -2.06 11.67
N LEU A 83 7.63 -2.82 12.51
CA LEU A 83 8.17 -4.11 12.97
C LEU A 83 8.53 -5.00 11.80
N MET A 84 7.70 -4.99 10.77
CA MET A 84 7.87 -5.93 9.68
C MET A 84 9.07 -5.55 8.81
N ILE A 85 9.20 -4.26 8.46
CA ILE A 85 10.37 -3.89 7.69
C ILE A 85 11.65 -4.09 8.50
N GLY A 86 11.58 -3.87 9.82
CA GLY A 86 12.74 -4.17 10.66
C GLY A 86 13.10 -5.65 10.67
N LEU A 87 12.09 -6.52 10.65
CA LEU A 87 12.36 -7.96 10.62
C LEU A 87 12.96 -8.36 9.27
N VAL A 88 12.41 -7.83 8.18
CA VAL A 88 12.96 -8.11 6.86
C VAL A 88 14.43 -7.67 6.78
N TRP A 89 14.72 -6.48 7.31
CA TRP A 89 16.07 -5.92 7.19
C TRP A 89 17.09 -6.80 7.90
N ARG A 90 16.80 -7.21 9.13
CA ARG A 90 17.79 -8.05 9.81
C ARG A 90 17.79 -9.48 9.31
N SER A 91 16.78 -9.89 8.53
CA SER A 91 16.80 -11.21 7.90
C SER A 91 17.48 -11.20 6.52
N MET A 92 17.86 -10.04 6.02
CA MET A 92 18.27 -9.91 4.63
C MET A 92 19.49 -10.79 4.33
N GLU A 93 20.43 -10.88 5.26
CA GLU A 93 21.63 -11.70 5.07
C GLU A 93 21.43 -13.18 5.41
N HIS A 94 20.20 -13.60 5.71
CA HIS A 94 19.88 -14.99 5.99
C HIS A 94 18.86 -15.50 4.97
N PRO A 95 19.28 -15.73 3.73
CA PRO A 95 18.34 -16.14 2.68
C PRO A 95 17.51 -17.36 3.08
N GLY A 96 16.20 -17.28 2.83
CA GLY A 96 15.28 -18.34 3.16
C GLY A 96 14.80 -18.39 4.59
N LYS A 97 15.26 -17.47 5.45
CA LYS A 97 14.92 -17.53 6.87
C LYS A 97 14.58 -16.13 7.37
N LEU A 98 13.86 -16.11 8.49
CA LEU A 98 13.51 -14.86 9.16
C LEU A 98 14.19 -14.83 10.51
N LEU A 99 15.02 -13.79 10.73
CA LEU A 99 15.80 -13.63 11.96
C LEU A 99 14.95 -12.81 12.95
N PHE A 100 13.95 -13.46 13.54
CA PHE A 100 13.13 -12.78 14.54
C PHE A 100 13.99 -12.23 15.67
N ALA A 101 14.89 -13.03 16.19
CA ALA A 101 15.89 -12.60 17.14
C ALA A 101 17.17 -13.37 16.82
N PRO A 102 18.31 -12.93 17.34
CA PRO A 102 19.54 -13.73 17.13
C PRO A 102 19.39 -15.18 17.53
N ASN A 103 18.55 -15.46 18.54
CA ASN A 103 18.27 -16.80 19.04
C ASN A 103 16.93 -17.34 18.55
N LEU A 104 16.32 -16.71 17.53
CA LEU A 104 15.06 -17.18 16.96
C LEU A 104 15.12 -16.98 15.45
N LEU A 105 15.85 -17.86 14.77
CA LEU A 105 16.00 -17.86 13.32
C LEU A 105 15.15 -18.98 12.77
N LEU A 106 14.13 -18.63 12.00
CA LEU A 106 13.07 -19.54 11.63
C LEU A 106 13.03 -19.72 10.12
N ASP A 107 12.80 -20.93 9.65
CA ASP A 107 12.49 -21.13 8.24
C ASP A 107 10.99 -21.34 8.06
N ARG A 108 10.58 -21.41 6.79
CA ARG A 108 9.16 -21.36 6.50
C ARG A 108 8.43 -22.63 6.92
N ASN A 109 9.13 -23.76 6.95
CA ASN A 109 8.52 -24.99 7.44
C ASN A 109 8.14 -24.87 8.90
N GLN A 110 8.87 -24.04 9.66
CA GLN A 110 8.55 -23.82 11.06
C GLN A 110 7.29 -22.97 11.24
N GLY A 111 6.89 -22.21 10.22
CA GLY A 111 5.69 -21.41 10.29
C GLY A 111 4.41 -22.21 10.10
N MET A 117 0.16 -18.39 9.39
CA MET A 117 1.49 -17.79 9.49
C MET A 117 2.31 -17.93 8.21
N VAL A 118 2.15 -19.06 7.52
CA VAL A 118 3.02 -19.33 6.36
C VAL A 118 2.81 -18.31 5.25
N GLU A 119 1.57 -17.84 5.07
CA GLU A 119 1.32 -16.85 4.03
C GLU A 119 2.08 -15.56 4.33
N ILE A 120 2.13 -15.16 5.60
CA ILE A 120 2.84 -13.96 5.97
C ILE A 120 4.35 -14.21 5.92
N PHE A 121 4.78 -15.37 6.41
CA PHE A 121 6.20 -15.74 6.36
C PHE A 121 6.74 -15.62 4.94
N ASP A 122 6.01 -16.17 3.96
CA ASP A 122 6.45 -16.12 2.57
C ASP A 122 6.52 -14.68 2.04
N MET A 123 5.54 -13.85 2.40
CA MET A 123 5.61 -12.46 1.99
C MET A 123 6.82 -11.76 2.57
N LEU A 124 7.12 -12.04 3.84
CA LEU A 124 8.29 -11.44 4.48
C LEU A 124 9.57 -11.91 3.82
N LEU A 125 9.65 -13.21 3.48
CA LEU A 125 10.83 -13.72 2.80
C LEU A 125 11.00 -13.11 1.42
N ALA A 126 9.89 -12.91 0.70
CA ALA A 126 9.95 -12.30 -0.62
C ALA A 126 10.48 -10.87 -0.55
N THR A 127 10.08 -10.11 0.49
CA THR A 127 10.60 -8.76 0.66
C THR A 127 12.09 -8.79 0.97
N SER A 128 12.52 -9.69 1.85
CA SER A 128 13.93 -9.88 2.13
C SER A 128 14.70 -10.17 0.85
N SER A 129 14.15 -11.03 0.00
CA SER A 129 14.79 -11.35 -1.26
C SER A 129 14.84 -10.14 -2.17
N ARG A 130 13.78 -9.33 -2.20
CA ARG A 130 13.80 -8.12 -3.02
C ARG A 130 14.86 -7.14 -2.53
N PHE A 131 14.92 -6.91 -1.21
CA PHE A 131 15.94 -6.04 -0.65
C PHE A 131 17.34 -6.52 -1.01
N ARG A 132 17.56 -7.82 -0.90
CA ARG A 132 18.87 -8.39 -1.22
C ARG A 132 19.21 -8.21 -2.70
N MET A 133 18.21 -8.30 -3.57
CA MET A 133 18.48 -8.15 -5.00
C MET A 133 18.76 -6.70 -5.37
N MET A 134 18.14 -5.75 -4.66
CA MET A 134 18.45 -4.34 -4.85
C MET A 134 19.69 -3.90 -4.09
N ASN A 135 20.26 -4.76 -3.25
CA ASN A 135 21.37 -4.41 -2.38
C ASN A 135 21.02 -3.19 -1.53
N LEU A 136 19.88 -3.28 -0.85
CA LEU A 136 19.42 -2.19 0.01
C LEU A 136 20.49 -1.85 1.05
N GLN A 137 20.79 -0.56 1.17
CA GLN A 137 21.80 -0.08 2.10
C GLN A 137 21.15 0.39 3.41
N GLY A 138 21.91 0.26 4.50
CA GLY A 138 21.38 0.64 5.80
C GLY A 138 20.90 2.08 5.86
N GLU A 139 21.62 2.98 5.16
CA GLU A 139 21.17 4.37 5.10
C GLU A 139 19.82 4.49 4.40
N GLU A 140 19.60 3.71 3.35
CA GLU A 140 18.30 3.73 2.67
C GLU A 140 17.21 3.12 3.55
N PHE A 141 17.53 2.04 4.26
CA PHE A 141 16.56 1.37 5.12
C PHE A 141 16.01 2.31 6.18
N VAL A 142 16.88 3.07 6.86
CA VAL A 142 16.36 3.93 7.92
C VAL A 142 15.50 5.05 7.34
N CYS A 143 15.82 5.51 6.12
CA CYS A 143 14.92 6.46 5.45
C CYS A 143 13.56 5.83 5.18
N LEU A 144 13.54 4.61 4.64
CA LEU A 144 12.28 3.95 4.33
C LEU A 144 11.44 3.74 5.58
N LYS A 145 12.09 3.36 6.68
CA LYS A 145 11.38 3.18 7.94
C LYS A 145 10.74 4.47 8.42
N SER A 146 11.45 5.60 8.27
N SER A 146 11.45 5.59 8.26
CA SER A 146 10.87 6.87 8.69
CA SER A 146 10.90 6.88 8.67
C SER A 146 9.74 7.30 7.77
C SER A 146 9.73 7.29 7.78
N ILE A 147 9.82 6.97 6.48
CA ILE A 147 8.71 7.28 5.57
C ILE A 147 7.46 6.50 5.96
N ILE A 148 7.63 5.22 6.33
CA ILE A 148 6.49 4.42 6.77
C ILE A 148 5.80 5.09 7.94
N LEU A 149 6.59 5.58 8.90
CA LEU A 149 6.00 6.20 10.09
C LEU A 149 5.20 7.43 9.74
N LEU A 150 5.71 8.28 8.83
CA LEU A 150 5.07 9.56 8.55
C LEU A 150 3.97 9.44 7.52
N ASN A 151 4.04 8.43 6.65
CA ASN A 151 3.10 8.32 5.54
C ASN A 151 1.88 7.47 5.85
N SER A 152 2.03 6.39 6.61
CA SER A 152 0.99 5.37 6.64
C SER A 152 -0.31 5.86 7.26
N GLY A 153 -0.25 6.84 8.15
CA GLY A 153 -1.44 7.43 8.73
C GLY A 153 -1.78 8.82 8.26
N VAL A 154 -1.05 9.38 7.28
CA VAL A 154 -1.24 10.79 6.95
C VAL A 154 -2.57 11.01 6.23
N TYR A 155 -3.11 9.98 5.56
CA TYR A 155 -4.38 10.08 4.85
C TYR A 155 -5.57 9.62 5.70
N THR A 156 -5.43 9.64 7.03
CA THR A 156 -6.54 9.23 7.90
C THR A 156 -6.46 9.89 9.27
N LEU A 165 -4.65 21.13 9.27
CA LEU A 165 -4.19 21.17 7.88
C LEU A 165 -2.75 21.63 7.80
N GLU A 166 -2.35 22.51 8.72
CA GLU A 166 -0.94 22.87 8.83
C GLU A 166 -0.10 21.68 9.29
N GLU A 167 -0.71 20.77 10.05
CA GLU A 167 0.02 19.59 10.52
C GLU A 167 0.30 18.62 9.39
N LYS A 168 -0.66 18.42 8.49
CA LYS A 168 -0.42 17.57 7.33
C LYS A 168 0.65 18.17 6.42
N ASP A 169 0.66 19.49 6.28
CA ASP A 169 1.69 20.13 5.45
C ASP A 169 3.07 19.95 6.05
N HIS A 170 3.19 20.03 7.38
CA HIS A 170 4.46 19.75 8.04
C HIS A 170 4.92 18.32 7.72
N ILE A 171 4.03 17.35 7.86
CA ILE A 171 4.39 15.95 7.60
C ILE A 171 4.82 15.77 6.15
N HIS A 172 4.12 16.39 5.19
CA HIS A 172 4.57 16.29 3.80
C HIS A 172 5.88 17.01 3.56
N ARG A 173 6.14 18.14 4.22
CA ARG A 173 7.45 18.77 4.07
C ARG A 173 8.56 17.86 4.59
N VAL A 174 8.32 17.21 5.72
CA VAL A 174 9.31 16.27 6.24
C VAL A 174 9.46 15.07 5.29
N LEU A 175 8.35 14.57 4.77
CA LEU A 175 8.43 13.45 3.83
C LEU A 175 9.25 13.81 2.60
N ASP A 176 9.08 15.04 2.09
CA ASP A 176 9.84 15.51 0.94
C ASP A 176 11.33 15.57 1.27
N LYS A 177 11.66 16.03 2.48
CA LYS A 177 13.04 15.98 2.98
C LYS A 177 13.61 14.57 2.98
N ILE A 178 12.82 13.57 3.39
CA ILE A 178 13.37 12.23 3.41
C ILE A 178 13.58 11.72 1.99
N THR A 179 12.71 12.11 1.06
CA THR A 179 12.93 11.78 -0.35
C THR A 179 14.22 12.41 -0.85
N ASP A 180 14.43 13.70 -0.55
CA ASP A 180 15.69 14.34 -0.91
C ASP A 180 16.87 13.56 -0.36
N THR A 181 16.75 13.08 0.88
CA THR A 181 17.82 12.31 1.53
C THR A 181 18.07 11.00 0.81
N LEU A 182 17.01 10.26 0.46
CA LEU A 182 17.18 9.03 -0.32
C LEU A 182 17.89 9.32 -1.65
N ILE A 183 17.46 10.39 -2.33
CA ILE A 183 18.06 10.76 -3.61
C ILE A 183 19.52 11.17 -3.43
N HIS A 184 19.80 11.95 -2.38
CA HIS A 184 21.17 12.27 -2.02
C HIS A 184 22.03 11.03 -1.89
N LEU A 185 21.52 9.99 -1.20
CA LEU A 185 22.29 8.77 -1.04
C LEU A 185 22.56 8.09 -2.37
N MET A 186 21.59 8.10 -3.30
CA MET A 186 21.86 7.39 -4.55
C MET A 186 22.81 8.20 -5.42
N ALA A 187 22.78 9.53 -5.30
CA ALA A 187 23.72 10.37 -6.06
C ALA A 187 25.15 10.12 -5.61
N LYS A 188 25.32 10.10 -4.29
CA LYS A 188 26.65 9.85 -3.67
C LYS A 188 27.14 8.46 -4.11
N ALA A 189 26.21 7.53 -4.24
CA ALA A 189 26.56 6.18 -4.67
C ALA A 189 26.88 6.06 -6.16
N GLY A 190 26.78 7.17 -6.90
CA GLY A 190 27.18 7.21 -8.29
C GLY A 190 26.12 6.86 -9.30
N LEU A 191 24.85 6.77 -8.88
CA LEU A 191 23.78 6.45 -9.82
C LEU A 191 23.50 7.64 -10.73
N THR A 192 23.20 7.36 -11.99
CA THR A 192 22.70 8.41 -12.87
C THR A 192 21.33 8.88 -12.39
N LEU A 193 20.92 10.05 -12.89
CA LEU A 193 19.58 10.56 -12.59
C LEU A 193 18.50 9.52 -12.88
N GLN A 194 18.53 8.94 -14.09
CA GLN A 194 17.55 7.92 -14.45
C GLN A 194 17.59 6.76 -13.45
N GLN A 195 18.79 6.34 -13.05
CA GLN A 195 18.90 5.25 -12.08
C GLN A 195 18.40 5.67 -10.72
N GLN A 196 18.65 6.93 -10.32
CA GLN A 196 18.15 7.44 -9.06
C GLN A 196 16.63 7.35 -9.01
N HIS A 197 15.97 7.88 -10.03
CA HIS A 197 14.51 7.90 -10.06
C HIS A 197 13.94 6.48 -10.08
N GLN A 198 14.57 5.59 -10.87
CA GLN A 198 14.10 4.21 -10.91
C GLN A 198 14.23 3.53 -9.55
N ARG A 199 15.35 3.76 -8.86
CA ARG A 199 15.55 3.07 -7.60
C ARG A 199 14.65 3.64 -6.51
N LEU A 200 14.46 4.97 -6.52
CA LEU A 200 13.51 5.59 -5.62
C LEU A 200 12.14 4.95 -5.78
N ALA A 201 11.72 4.75 -7.03
CA ALA A 201 10.42 4.16 -7.29
C ALA A 201 10.38 2.71 -6.82
N GLN A 202 11.44 1.93 -7.10
CA GLN A 202 11.48 0.55 -6.63
C GLN A 202 11.36 0.48 -5.12
N LEU A 203 12.06 1.35 -4.40
CA LEU A 203 11.99 1.34 -2.95
C LEU A 203 10.61 1.67 -2.44
N LEU A 204 9.96 2.69 -3.03
CA LEU A 204 8.68 3.10 -2.50
C LEU A 204 7.57 2.11 -2.83
N LEU A 205 7.73 1.37 -3.93
CA LEU A 205 6.72 0.39 -4.30
C LEU A 205 6.72 -0.79 -3.34
N ILE A 206 7.87 -1.06 -2.72
CA ILE A 206 7.93 -2.12 -1.72
C ILE A 206 7.06 -1.78 -0.53
N LEU A 207 6.88 -0.48 -0.25
CA LEU A 207 6.04 -0.07 0.88
C LEU A 207 4.59 -0.50 0.70
N SER A 208 4.12 -0.59 -0.55
CA SER A 208 2.80 -1.16 -0.81
C SER A 208 2.71 -2.59 -0.33
N HIS A 209 3.77 -3.37 -0.59
CA HIS A 209 3.80 -4.77 -0.15
C HIS A 209 3.89 -4.86 1.37
N ILE A 210 4.66 -3.96 2.00
CA ILE A 210 4.75 -3.95 3.46
C ILE A 210 3.41 -3.59 4.08
N ARG A 211 2.70 -2.62 3.50
CA ARG A 211 1.34 -2.33 3.95
C ARG A 211 0.46 -3.58 3.89
N HIS A 212 0.53 -4.29 2.77
CA HIS A 212 -0.26 -5.50 2.60
C HIS A 212 0.06 -6.53 3.68
N MET A 213 1.35 -6.74 3.97
CA MET A 213 1.72 -7.72 4.99
C MET A 213 1.22 -7.30 6.36
N SER A 214 1.31 -6.01 6.66
CA SER A 214 0.84 -5.54 7.95
C SER A 214 -0.65 -5.75 8.10
N ASN A 215 -1.42 -5.52 7.03
CA ASN A 215 -2.85 -5.76 7.12
C ASN A 215 -3.15 -7.23 7.36
N LYS A 216 -2.39 -8.13 6.73
CA LYS A 216 -2.59 -9.55 6.99
C LYS A 216 -2.15 -9.92 8.40
N GLY A 217 -1.03 -9.34 8.86
CA GLY A 217 -0.58 -9.61 10.21
C GLY A 217 -1.53 -9.10 11.28
N MET A 218 -2.10 -7.91 11.06
CA MET A 218 -3.12 -7.39 11.97
C MET A 218 -4.32 -8.32 12.05
N GLU A 219 -4.69 -8.93 10.94
CA GLU A 219 -5.92 -9.68 10.96
C GLU A 219 -5.65 -11.01 11.64
N HIS A 220 -4.43 -11.53 11.49
CA HIS A 220 -4.00 -12.70 12.26
C HIS A 220 -3.94 -12.39 13.75
N LEU A 221 -3.41 -11.22 14.11
CA LEU A 221 -3.33 -10.88 15.54
C LEU A 221 -4.72 -10.68 16.14
N TYR A 222 -5.69 -10.23 15.35
CA TYR A 222 -7.05 -10.16 15.87
C TYR A 222 -7.60 -11.55 16.14
N SER A 223 -7.32 -12.51 15.24
CA SER A 223 -7.77 -13.87 15.45
C SER A 223 -7.16 -14.47 16.72
N MET A 224 -5.88 -14.20 16.97
CA MET A 224 -5.27 -14.68 18.22
C MET A 224 -5.95 -14.06 19.44
N LYS A 225 -6.25 -12.77 19.39
CA LYS A 225 -6.92 -12.12 20.51
C LYS A 225 -8.27 -12.77 20.79
N CYS A 226 -9.00 -13.13 19.73
CA CYS A 226 -10.37 -13.63 19.90
C CYS A 226 -10.39 -14.99 20.60
N LYS A 227 -9.44 -15.87 20.29
CA LYS A 227 -9.41 -17.21 20.87
C LYS A 227 -8.76 -17.28 22.24
N ASN A 228 -8.34 -16.13 22.79
CA ASN A 228 -7.88 -15.99 24.17
C ASN A 228 -6.89 -17.05 24.67
N VAL A 229 -5.95 -17.47 23.84
CA VAL A 229 -4.96 -18.47 24.23
C VAL A 229 -3.55 -17.88 24.33
N VAL A 230 -3.16 -17.10 23.32
CA VAL A 230 -1.83 -16.50 23.29
C VAL A 230 -1.80 -15.27 24.20
N PRO A 231 -0.81 -15.14 25.09
CA PRO A 231 -0.78 -14.00 26.02
C PRO A 231 -0.45 -12.69 25.34
N LEU A 232 -1.43 -11.82 25.14
CA LEU A 232 -1.20 -10.55 24.46
C LEU A 232 -1.11 -9.42 25.48
N SER A 233 -0.03 -8.65 25.40
CA SER A 233 0.17 -7.54 26.32
C SER A 233 -0.93 -6.49 26.17
N ASP A 234 -1.17 -5.75 27.26
CA ASP A 234 -2.05 -4.59 27.21
C ASP A 234 -1.70 -3.71 26.02
N LEU A 235 -0.40 -3.43 25.86
CA LEU A 235 0.02 -2.53 24.80
C LEU A 235 -0.39 -3.04 23.42
N LEU A 236 -0.04 -4.29 23.10
CA LEU A 236 -0.48 -4.85 21.82
C LEU A 236 -2.00 -4.85 21.70
N LEU A 237 -2.70 -5.14 22.78
CA LEU A 237 -4.15 -5.22 22.72
C LEU A 237 -4.75 -3.88 22.31
N GLU A 238 -4.23 -2.78 22.85
CA GLU A 238 -4.69 -1.47 22.40
C GLU A 238 -4.23 -1.11 21.00
N MET A 239 -3.14 -1.70 20.50
CA MET A 239 -2.77 -1.43 19.12
C MET A 239 -3.75 -2.09 18.14
N LEU A 240 -4.20 -3.25 18.57
CA LEU A 240 -5.26 -3.94 17.82
C LEU A 240 -6.55 -3.11 17.89
N ASP A 241 -7.01 -2.63 19.09
CA ASP A 241 -8.21 -1.80 19.24
C ASP A 241 -8.18 -0.65 18.25
N ALA A 242 -7.02 -0.01 18.10
CA ALA A 242 -6.88 1.11 17.17
C ALA A 242 -7.14 0.69 15.72
N HIS A 243 -6.83 -0.54 15.36
CA HIS A 243 -7.20 -1.04 14.03
C HIS A 243 -8.59 -1.68 14.04
N ALA B 3 7.54 -3.84 -25.00
CA ALA B 3 7.26 -2.94 -23.88
C ALA B 3 8.43 -1.99 -23.62
N LEU B 4 9.66 -2.50 -23.59
CA LEU B 4 10.81 -1.63 -23.32
C LEU B 4 11.19 -0.77 -24.52
N SER B 5 10.56 -0.96 -25.68
CA SER B 5 10.94 -0.22 -26.88
C SER B 5 10.07 1.00 -27.16
N LEU B 6 8.99 1.21 -26.40
CA LEU B 6 8.24 2.45 -26.58
C LEU B 6 8.97 3.62 -25.96
N THR B 7 8.78 4.79 -26.56
CA THR B 7 9.16 6.03 -25.93
C THR B 7 8.17 6.37 -24.81
N ALA B 8 8.52 7.41 -24.04
CA ALA B 8 7.62 7.87 -22.99
C ALA B 8 6.29 8.33 -23.57
N ASP B 9 6.33 9.15 -24.63
CA ASP B 9 5.10 9.65 -25.23
C ASP B 9 4.28 8.53 -25.85
N GLN B 10 4.93 7.51 -26.39
CA GLN B 10 4.18 6.38 -26.95
C GLN B 10 3.58 5.52 -25.85
N MET B 11 4.25 5.47 -24.70
CA MET B 11 3.71 4.78 -23.54
C MET B 11 2.43 5.47 -23.05
N VAL B 12 2.48 6.80 -22.96
CA VAL B 12 1.34 7.59 -22.52
C VAL B 12 0.16 7.38 -23.46
N SER B 13 0.41 7.46 -24.77
CA SER B 13 -0.66 7.36 -25.76
C SER B 13 -1.32 5.99 -25.71
N ALA B 14 -0.52 4.93 -25.63
CA ALA B 14 -1.08 3.59 -25.51
C ALA B 14 -2.00 3.49 -24.29
N LEU B 15 -1.53 3.95 -23.13
CA LEU B 15 -2.33 3.83 -21.91
C LEU B 15 -3.59 4.70 -21.99
N LEU B 16 -3.46 5.90 -22.54
CA LEU B 16 -4.62 6.78 -22.67
C LEU B 16 -5.68 6.14 -23.56
N ASP B 17 -5.26 5.59 -24.69
CA ASP B 17 -6.18 4.96 -25.63
C ASP B 17 -6.78 3.67 -25.08
N ALA B 18 -6.16 3.06 -24.08
CA ALA B 18 -6.65 1.82 -23.49
C ALA B 18 -7.66 2.04 -22.36
N GLU B 19 -7.90 3.28 -21.99
CA GLU B 19 -8.78 3.57 -20.85
C GLU B 19 -10.15 2.93 -21.04
N PRO B 20 -10.69 2.26 -20.03
CA PRO B 20 -12.01 1.66 -20.15
C PRO B 20 -13.09 2.72 -20.08
N PRO B 21 -14.32 2.42 -20.48
CA PRO B 21 -15.38 3.43 -20.42
C PRO B 21 -15.95 3.59 -19.02
N ILE B 22 -16.73 4.65 -18.87
CA ILE B 22 -17.52 4.86 -17.65
C ILE B 22 -18.87 4.15 -17.83
N LEU B 23 -19.19 3.27 -16.90
CA LEU B 23 -20.42 2.49 -17.00
C LEU B 23 -21.48 3.01 -16.03
N TYR B 24 -22.72 2.61 -16.29
CA TYR B 24 -23.85 2.99 -15.44
C TYR B 24 -24.15 1.89 -14.44
N SER B 25 -24.65 2.30 -13.26
CA SER B 25 -25.11 1.31 -12.31
C SER B 25 -26.55 0.91 -12.65
N GLU B 26 -27.02 -0.14 -11.99
CA GLU B 26 -28.39 -0.57 -12.13
C GLU B 26 -29.33 0.19 -11.20
N TYR B 27 -28.90 1.37 -10.76
CA TYR B 27 -29.66 2.14 -9.79
C TYR B 27 -31.12 2.30 -10.20
N ASP B 28 -32.01 1.96 -9.27
CA ASP B 28 -33.46 2.05 -9.41
C ASP B 28 -33.96 3.22 -8.56
N PRO B 29 -34.27 4.38 -9.15
CA PRO B 29 -34.67 5.53 -8.34
C PRO B 29 -36.09 5.46 -7.80
N THR B 30 -36.84 4.40 -8.06
CA THR B 30 -38.23 4.34 -7.60
C THR B 30 -38.38 3.84 -6.17
N ARG B 31 -37.31 3.34 -5.56
CA ARG B 31 -37.29 2.64 -4.30
C ARG B 31 -36.22 3.23 -3.41
N PRO B 32 -36.40 3.20 -2.09
CA PRO B 32 -35.29 3.60 -1.21
C PRO B 32 -34.16 2.59 -1.25
N PHE B 33 -32.97 3.04 -0.85
CA PHE B 33 -31.87 2.11 -0.67
C PHE B 33 -32.12 1.22 0.55
N SER B 34 -31.61 0.00 0.47
CA SER B 34 -31.40 -0.86 1.62
C SER B 34 -29.94 -1.28 1.61
N GLU B 35 -29.47 -1.91 2.69
CA GLU B 35 -28.09 -2.38 2.69
C GLU B 35 -27.85 -3.36 1.54
N ALA B 36 -28.80 -4.27 1.32
CA ALA B 36 -28.61 -5.28 0.31
C ALA B 36 -28.67 -4.67 -1.09
N SER B 37 -29.55 -3.68 -1.30
CA SER B 37 -29.66 -3.12 -2.64
C SER B 37 -28.45 -2.23 -2.96
N MET B 38 -27.91 -1.54 -1.95
CA MET B 38 -26.71 -0.73 -2.16
C MET B 38 -25.51 -1.61 -2.48
N MET B 39 -25.22 -2.62 -1.63
CA MET B 39 -24.18 -3.59 -2.02
C MET B 39 -24.45 -4.24 -3.35
N GLY B 40 -25.69 -4.58 -3.64
CA GLY B 40 -26.01 -5.12 -4.95
C GLY B 40 -25.54 -4.21 -6.07
N LEU B 41 -25.80 -2.91 -5.93
CA LEU B 41 -25.36 -1.99 -6.97
C LEU B 41 -23.83 -2.01 -7.10
N LEU B 42 -23.11 -2.02 -5.98
CA LEU B 42 -21.66 -1.91 -6.05
C LEU B 42 -21.03 -3.20 -6.57
N THR B 43 -21.58 -4.37 -6.19
CA THR B 43 -20.99 -5.60 -6.70
C THR B 43 -21.36 -5.84 -8.16
N ASN B 44 -22.57 -5.44 -8.58
CA ASN B 44 -22.92 -5.51 -9.99
C ASN B 44 -22.02 -4.60 -10.82
N LEU B 45 -21.82 -3.37 -10.36
CA LEU B 45 -20.94 -2.45 -11.07
C LEU B 45 -19.50 -2.96 -11.09
N ALA B 46 -19.03 -3.53 -9.98
CA ALA B 46 -17.67 -4.05 -9.97
C ALA B 46 -17.52 -5.18 -11.00
N ASP B 47 -18.51 -6.05 -11.07
CA ASP B 47 -18.49 -7.15 -12.03
C ASP B 47 -18.41 -6.64 -13.46
N ARG B 48 -19.19 -5.62 -13.79
CA ARG B 48 -19.17 -5.12 -15.16
C ARG B 48 -17.87 -4.37 -15.44
N GLU B 49 -17.35 -3.61 -14.47
CA GLU B 49 -16.07 -2.95 -14.68
C GLU B 49 -14.93 -3.95 -14.80
N LEU B 50 -15.02 -5.09 -14.12
CA LEU B 50 -13.94 -6.07 -14.17
C LEU B 50 -13.74 -6.60 -15.60
N VAL B 51 -14.84 -6.81 -16.34
CA VAL B 51 -14.72 -7.29 -17.70
C VAL B 51 -13.98 -6.29 -18.57
N HIS B 52 -14.28 -5.01 -18.41
CA HIS B 52 -13.52 -4.00 -19.13
C HIS B 52 -12.08 -3.91 -18.66
N MET B 53 -11.84 -4.19 -17.37
CA MET B 53 -10.48 -4.11 -16.84
C MET B 53 -9.59 -5.18 -17.46
N ILE B 54 -10.15 -6.35 -17.71
CA ILE B 54 -9.39 -7.43 -18.33
C ILE B 54 -8.94 -7.00 -19.72
N ASN B 55 -9.82 -6.35 -20.48
CA ASN B 55 -9.43 -5.80 -21.79
C ASN B 55 -8.35 -4.77 -21.66
N TRP B 56 -8.50 -3.85 -20.70
CA TRP B 56 -7.51 -2.82 -20.47
C TRP B 56 -6.16 -3.44 -20.14
N ALA B 57 -6.15 -4.44 -19.25
CA ALA B 57 -4.91 -5.06 -18.84
C ALA B 57 -4.13 -5.62 -20.02
N LYS B 58 -4.82 -6.25 -20.98
CA LYS B 58 -4.13 -6.75 -22.17
C LYS B 58 -3.44 -5.64 -22.98
N ARG B 59 -3.83 -4.40 -22.77
CA ARG B 59 -3.25 -3.29 -23.51
C ARG B 59 -2.21 -2.53 -22.71
N VAL B 60 -1.98 -2.92 -21.45
CA VAL B 60 -0.88 -2.35 -20.67
C VAL B 60 0.40 -2.95 -21.22
N PRO B 61 1.35 -2.13 -21.69
CA PRO B 61 2.55 -2.69 -22.31
C PRO B 61 3.27 -3.64 -21.37
N GLY B 62 3.63 -4.81 -21.91
CA GLY B 62 4.29 -5.85 -21.16
C GLY B 62 3.39 -6.89 -20.54
N PHE B 63 2.08 -6.64 -20.44
CA PHE B 63 1.21 -7.59 -19.75
C PHE B 63 0.97 -8.86 -20.56
N VAL B 64 0.72 -8.73 -21.87
CA VAL B 64 0.37 -9.93 -22.65
C VAL B 64 1.58 -10.80 -22.96
N ASP B 65 2.79 -10.33 -22.68
CA ASP B 65 3.96 -11.20 -22.76
C ASP B 65 4.00 -12.23 -21.63
N LEU B 66 3.26 -12.01 -20.56
CA LEU B 66 3.32 -12.92 -19.40
C LEU B 66 2.51 -14.18 -19.74
N THR B 67 2.73 -15.24 -19.01
CA THR B 67 1.89 -16.43 -19.13
C THR B 67 0.48 -16.15 -18.60
N LEU B 68 -0.49 -16.94 -19.05
CA LEU B 68 -1.86 -16.77 -18.56
C LEU B 68 -1.93 -16.87 -17.04
N HIS B 69 -1.15 -17.79 -16.45
CA HIS B 69 -1.19 -17.96 -15.00
C HIS B 69 -0.71 -16.70 -14.29
N ASP B 70 0.31 -16.03 -14.83
CA ASP B 70 0.81 -14.82 -14.19
C ASP B 70 -0.10 -13.64 -14.42
N GLN B 71 -0.73 -13.55 -15.60
CA GLN B 71 -1.73 -12.53 -15.84
C GLN B 71 -2.88 -12.68 -14.86
N VAL B 72 -3.32 -13.91 -14.64
CA VAL B 72 -4.36 -14.19 -13.67
C VAL B 72 -3.90 -13.74 -12.28
N HIS B 73 -2.67 -14.09 -11.91
CA HIS B 73 -2.16 -13.74 -10.58
C HIS B 73 -2.14 -12.22 -10.39
N LEU B 74 -1.62 -11.47 -11.37
CA LEU B 74 -1.56 -10.02 -11.21
C LEU B 74 -2.94 -9.40 -11.08
N LEU B 75 -3.89 -9.82 -11.92
CA LEU B 75 -5.23 -9.25 -11.84
C LEU B 75 -5.94 -9.69 -10.57
N GLU B 76 -5.72 -10.94 -10.13
CA GLU B 76 -6.29 -11.39 -8.86
C GLU B 76 -5.78 -10.55 -7.70
N CYS B 77 -4.52 -10.13 -7.75
N CYS B 77 -4.53 -10.11 -7.78
CA CYS B 77 -3.97 -9.32 -6.67
CA CYS B 77 -3.96 -9.33 -6.69
C CYS B 77 -4.48 -7.89 -6.70
C CYS B 77 -4.46 -7.89 -6.70
N ALA B 78 -4.53 -7.28 -7.88
CA ALA B 78 -4.71 -5.83 -8.01
C ALA B 78 -6.11 -5.38 -8.36
N TRP B 79 -7.06 -6.29 -8.60
CA TRP B 79 -8.32 -5.86 -9.21
C TRP B 79 -9.03 -4.78 -8.39
N LEU B 80 -9.09 -4.93 -7.06
CA LEU B 80 -9.86 -3.95 -6.31
C LEU B 80 -9.07 -2.65 -6.14
N GLU B 81 -7.74 -2.75 -6.04
CA GLU B 81 -6.94 -1.53 -6.10
C GLU B 81 -7.21 -0.76 -7.37
N ILE B 82 -7.28 -1.46 -8.52
CA ILE B 82 -7.52 -0.80 -9.80
C ILE B 82 -8.92 -0.19 -9.85
N LEU B 83 -9.94 -0.94 -9.41
CA LEU B 83 -11.29 -0.37 -9.32
C LEU B 83 -11.30 0.86 -8.44
N MET B 84 -10.55 0.84 -7.32
CA MET B 84 -10.66 1.95 -6.40
C MET B 84 -9.95 3.19 -6.94
N ILE B 85 -8.77 3.03 -7.55
CA ILE B 85 -8.10 4.21 -8.06
C ILE B 85 -8.90 4.82 -9.21
N GLY B 86 -9.58 3.98 -10.00
CA GLY B 86 -10.45 4.50 -11.03
C GLY B 86 -11.63 5.27 -10.45
N LEU B 87 -12.21 4.76 -9.36
CA LEU B 87 -13.30 5.45 -8.68
C LEU B 87 -12.84 6.79 -8.13
N VAL B 88 -11.68 6.80 -7.47
CA VAL B 88 -11.14 8.05 -6.93
C VAL B 88 -10.90 9.05 -8.07
N TRP B 89 -10.35 8.59 -9.18
CA TRP B 89 -10.07 9.45 -10.32
C TRP B 89 -11.34 10.11 -10.84
N ARG B 90 -12.38 9.32 -11.10
CA ARG B 90 -13.59 9.93 -11.65
C ARG B 90 -14.39 10.71 -10.62
N SER B 91 -14.03 10.61 -9.35
CA SER B 91 -14.68 11.43 -8.31
C SER B 91 -13.95 12.73 -8.02
N MET B 92 -12.80 12.94 -8.63
CA MET B 92 -11.92 14.10 -8.30
C MET B 92 -12.62 15.45 -8.42
N GLU B 93 -13.45 15.60 -9.42
CA GLU B 93 -14.15 16.87 -9.58
C GLU B 93 -15.52 16.90 -8.90
N HIS B 94 -15.72 16.04 -7.89
CA HIS B 94 -16.92 16.03 -7.07
C HIS B 94 -16.51 15.96 -5.61
N PRO B 95 -15.96 17.03 -5.05
CA PRO B 95 -15.49 17.00 -3.66
C PRO B 95 -16.60 16.56 -2.70
N GLY B 96 -16.25 15.69 -1.77
CA GLY B 96 -17.20 15.15 -0.82
C GLY B 96 -18.06 14.02 -1.33
N LYS B 97 -17.92 13.62 -2.60
CA LYS B 97 -18.75 12.56 -3.13
C LYS B 97 -17.89 11.50 -3.83
N LEU B 98 -18.49 10.34 -4.03
CA LEU B 98 -17.88 9.28 -4.83
C LEU B 98 -18.79 9.05 -6.02
N LEU B 99 -18.25 9.24 -7.22
CA LEU B 99 -18.95 9.00 -8.49
C LEU B 99 -18.78 7.54 -8.88
N PHE B 100 -19.55 6.67 -8.22
CA PHE B 100 -19.54 5.25 -8.54
C PHE B 100 -19.94 5.06 -10.00
N ALA B 101 -20.93 5.82 -10.43
CA ALA B 101 -21.41 5.81 -11.80
C ALA B 101 -22.10 7.15 -12.03
N PRO B 102 -22.32 7.54 -13.29
CA PRO B 102 -23.03 8.81 -13.50
C PRO B 102 -24.38 8.87 -12.83
N ASN B 103 -25.03 7.72 -12.62
CA ASN B 103 -26.32 7.67 -11.96
C ASN B 103 -26.21 7.17 -10.52
N LEU B 104 -25.01 7.22 -9.94
CA LEU B 104 -24.79 6.74 -8.59
C LEU B 104 -23.64 7.57 -8.01
N LEU B 105 -23.97 8.82 -7.70
CA LEU B 105 -23.06 9.80 -7.11
C LEU B 105 -23.44 9.95 -5.64
N LEU B 106 -22.63 9.40 -4.74
CA LEU B 106 -23.01 9.25 -3.35
C LEU B 106 -22.13 10.08 -2.42
N ASP B 107 -22.72 10.56 -1.33
CA ASP B 107 -21.97 11.16 -0.26
C ASP B 107 -21.93 10.18 0.92
N ARG B 108 -21.15 10.54 1.94
CA ARG B 108 -20.85 9.55 2.98
C ARG B 108 -22.09 9.21 3.80
N ASN B 109 -23.06 10.13 3.90
CA ASN B 109 -24.28 9.80 4.61
C ASN B 109 -25.05 8.68 3.91
N GLN B 110 -24.99 8.63 2.58
CA GLN B 110 -25.58 7.51 1.87
C GLN B 110 -24.77 6.24 2.06
N GLY B 111 -23.46 6.37 2.25
CA GLY B 111 -22.62 5.23 2.55
C GLY B 111 -22.91 4.57 3.89
N LYS B 112 -23.53 5.29 4.82
CA LYS B 112 -23.85 4.69 6.12
C LYS B 112 -24.92 3.61 6.03
N CYS B 113 -25.56 3.48 4.87
CA CYS B 113 -26.63 2.51 4.69
C CYS B 113 -26.11 1.08 4.77
N VAL B 114 -24.83 0.87 4.48
CA VAL B 114 -24.21 -0.44 4.51
C VAL B 114 -23.26 -0.51 5.69
N GLU B 115 -23.43 -1.52 6.53
CA GLU B 115 -22.61 -1.64 7.72
C GLU B 115 -21.14 -1.79 7.32
N GLY B 116 -20.29 -0.95 7.91
CA GLY B 116 -18.87 -0.99 7.61
C GLY B 116 -18.45 -0.24 6.36
N MET B 117 -19.40 0.26 5.57
CA MET B 117 -19.01 0.95 4.34
C MET B 117 -18.41 2.32 4.56
N VAL B 118 -18.90 3.07 5.54
CA VAL B 118 -18.48 4.46 5.66
C VAL B 118 -16.99 4.56 5.95
N GLU B 119 -16.41 3.60 6.66
CA GLU B 119 -14.96 3.62 6.87
C GLU B 119 -14.19 3.60 5.55
N ILE B 120 -14.62 2.76 4.61
CA ILE B 120 -13.97 2.69 3.30
C ILE B 120 -14.31 3.91 2.48
N PHE B 121 -15.55 4.36 2.51
CA PHE B 121 -15.96 5.58 1.84
C PHE B 121 -15.07 6.75 2.25
N ASP B 122 -14.83 6.90 3.56
CA ASP B 122 -14.00 8.00 4.05
C ASP B 122 -12.57 7.90 3.52
N MET B 123 -12.00 6.69 3.44
CA MET B 123 -10.64 6.61 2.90
C MET B 123 -10.60 6.96 1.42
N LEU B 124 -11.64 6.59 0.66
CA LEU B 124 -11.66 6.92 -0.75
C LEU B 124 -11.82 8.42 -0.96
N LEU B 125 -12.65 9.06 -0.14
CA LEU B 125 -12.82 10.51 -0.20
C LEU B 125 -11.50 11.22 0.11
N ALA B 126 -10.75 10.73 1.10
CA ALA B 126 -9.48 11.35 1.42
C ALA B 126 -8.49 11.23 0.26
N THR B 127 -8.48 10.07 -0.42
CA THR B 127 -7.63 9.89 -1.58
C THR B 127 -8.01 10.86 -2.70
N SER B 128 -9.31 11.00 -2.96
CA SER B 128 -9.77 11.97 -3.95
C SER B 128 -9.28 13.37 -3.61
N SER B 129 -9.38 13.76 -2.33
N SER B 129 -9.38 13.75 -2.33
CA SER B 129 -8.87 15.05 -1.88
CA SER B 129 -8.88 15.04 -1.88
C SER B 129 -7.37 15.17 -2.14
C SER B 129 -7.38 15.17 -2.12
N ARG B 130 -6.63 14.11 -1.82
CA ARG B 130 -5.18 14.13 -2.04
C ARG B 130 -4.87 14.32 -3.53
N PHE B 131 -5.57 13.59 -4.41
CA PHE B 131 -5.42 13.78 -5.84
C PHE B 131 -5.70 15.21 -6.25
N ARG B 132 -6.79 15.79 -5.72
CA ARG B 132 -7.16 17.15 -6.09
C ARG B 132 -6.12 18.17 -5.62
N MET B 133 -5.61 18.01 -4.40
CA MET B 133 -4.56 18.91 -3.92
C MET B 133 -3.34 18.87 -4.82
N MET B 134 -2.94 17.65 -5.21
CA MET B 134 -1.78 17.46 -6.07
C MET B 134 -2.04 17.83 -7.51
N ASN B 135 -3.29 18.10 -7.89
CA ASN B 135 -3.69 18.25 -9.29
C ASN B 135 -3.16 17.11 -10.14
N LEU B 136 -3.49 15.89 -9.75
CA LEU B 136 -3.14 14.72 -10.54
C LEU B 136 -3.65 14.85 -11.96
N GLN B 137 -2.78 14.54 -12.93
CA GLN B 137 -3.13 14.59 -14.35
C GLN B 137 -3.54 13.22 -14.86
N GLY B 138 -4.34 13.22 -15.92
CA GLY B 138 -4.77 11.96 -16.51
C GLY B 138 -3.59 11.10 -16.94
N GLU B 139 -2.55 11.74 -17.48
CA GLU B 139 -1.37 10.99 -17.91
C GLU B 139 -0.68 10.34 -16.72
N GLU B 140 -0.61 11.03 -15.58
CA GLU B 140 -0.05 10.41 -14.38
C GLU B 140 -0.96 9.31 -13.87
N PHE B 141 -2.28 9.53 -13.91
CA PHE B 141 -3.23 8.55 -13.40
C PHE B 141 -3.08 7.21 -14.12
N VAL B 142 -3.04 7.23 -15.46
CA VAL B 142 -2.96 5.96 -16.17
C VAL B 142 -1.62 5.27 -15.90
N CYS B 143 -0.54 6.05 -15.66
CA CYS B 143 0.72 5.46 -15.24
C CYS B 143 0.59 4.75 -13.90
N LEU B 144 -0.02 5.41 -12.92
CA LEU B 144 -0.23 4.82 -11.59
C LEU B 144 -1.07 3.56 -11.69
N LYS B 145 -2.12 3.58 -12.50
CA LYS B 145 -2.98 2.41 -12.63
C LYS B 145 -2.20 1.24 -13.21
N SER B 146 -1.31 1.51 -14.18
CA SER B 146 -0.48 0.44 -14.75
C SER B 146 0.53 -0.09 -13.73
N ILE B 147 1.12 0.79 -12.92
CA ILE B 147 2.02 0.35 -11.87
C ILE B 147 1.32 -0.58 -10.89
N ILE B 148 0.09 -0.23 -10.49
CA ILE B 148 -0.65 -1.11 -9.58
C ILE B 148 -0.78 -2.50 -10.19
N LEU B 149 -1.16 -2.55 -11.46
CA LEU B 149 -1.39 -3.84 -12.12
C LEU B 149 -0.14 -4.70 -12.12
N LEU B 150 1.02 -4.10 -12.38
CA LEU B 150 2.24 -4.87 -12.48
C LEU B 150 2.90 -5.12 -11.13
N ASN B 151 2.68 -4.24 -10.16
CA ASN B 151 3.46 -4.30 -8.94
C ASN B 151 2.80 -5.09 -7.82
N SER B 152 1.47 -5.05 -7.69
CA SER B 152 0.87 -5.55 -6.45
C SER B 152 1.10 -7.04 -6.26
N GLY B 153 1.09 -7.80 -7.34
CA GLY B 153 1.32 -9.23 -7.31
C GLY B 153 2.71 -9.67 -7.70
N VAL B 154 3.65 -8.76 -7.92
CA VAL B 154 4.94 -9.17 -8.47
C VAL B 154 5.80 -9.88 -7.42
N TYR B 155 5.71 -9.45 -6.16
CA TYR B 155 6.52 -10.00 -5.09
C TYR B 155 5.87 -11.22 -4.44
N THR B 156 4.72 -11.65 -4.95
CA THR B 156 4.17 -12.95 -4.62
C THR B 156 4.18 -13.90 -5.81
N ASP B 169 12.16 -10.59 -13.96
CA ASP B 169 12.90 -9.34 -14.14
C ASP B 169 12.29 -8.50 -15.26
N HIS B 170 11.43 -9.13 -16.07
CA HIS B 170 10.75 -8.40 -17.14
C HIS B 170 9.73 -7.42 -16.58
N ILE B 171 8.97 -7.82 -15.56
CA ILE B 171 8.01 -6.89 -14.94
C ILE B 171 8.75 -5.69 -14.38
N HIS B 172 9.92 -5.92 -13.78
CA HIS B 172 10.64 -4.82 -13.15
C HIS B 172 11.23 -3.87 -14.18
N ARG B 173 11.63 -4.39 -15.34
CA ARG B 173 12.05 -3.51 -16.43
C ARG B 173 10.88 -2.69 -16.95
N VAL B 174 9.68 -3.28 -17.02
CA VAL B 174 8.51 -2.52 -17.46
C VAL B 174 8.14 -1.46 -16.42
N LEU B 175 8.18 -1.83 -15.14
CA LEU B 175 7.94 -0.83 -14.10
C LEU B 175 8.95 0.30 -14.18
N ASP B 176 10.23 -0.03 -14.47
CA ASP B 176 11.24 1.00 -14.63
C ASP B 176 10.90 1.94 -15.78
N LYS B 177 10.36 1.39 -16.87
CA LYS B 177 9.94 2.21 -18.00
C LYS B 177 8.82 3.16 -17.61
N ILE B 178 7.89 2.72 -16.75
CA ILE B 178 6.80 3.61 -16.36
C ILE B 178 7.32 4.72 -15.45
N THR B 179 8.32 4.42 -14.60
CA THR B 179 8.94 5.47 -13.81
C THR B 179 9.53 6.53 -14.73
N ASP B 180 10.28 6.08 -15.75
CA ASP B 180 10.83 6.99 -16.75
C ASP B 180 9.74 7.86 -17.36
N THR B 181 8.60 7.25 -17.70
CA THR B 181 7.49 7.98 -18.27
C THR B 181 6.93 9.01 -17.30
N LEU B 182 6.85 8.66 -16.01
CA LEU B 182 6.32 9.62 -15.04
C LEU B 182 7.23 10.83 -14.92
N ILE B 183 8.55 10.59 -14.90
CA ILE B 183 9.51 11.68 -14.80
C ILE B 183 9.46 12.55 -16.05
N HIS B 184 9.40 11.91 -17.22
CA HIS B 184 9.23 12.63 -18.47
C HIS B 184 8.01 13.55 -18.42
N LEU B 185 6.88 13.03 -17.95
CA LEU B 185 5.67 13.86 -17.86
C LEU B 185 5.88 15.05 -16.95
N MET B 186 6.57 14.86 -15.81
CA MET B 186 6.75 15.96 -14.89
C MET B 186 7.72 16.99 -15.45
N ALA B 187 8.80 16.52 -16.06
CA ALA B 187 9.75 17.45 -16.68
C ALA B 187 9.07 18.21 -17.80
N LYS B 188 8.21 17.54 -18.57
CA LYS B 188 7.49 18.20 -19.65
C LYS B 188 6.49 19.22 -19.13
N ALA B 189 5.99 19.03 -17.91
CA ALA B 189 5.12 20.00 -17.26
C ALA B 189 5.88 21.16 -16.62
N GLY B 190 7.21 21.15 -16.69
CA GLY B 190 8.00 22.25 -16.16
C GLY B 190 8.46 22.10 -14.72
N LEU B 191 8.32 20.93 -14.12
CA LEU B 191 8.78 20.75 -12.75
C LEU B 191 10.30 20.75 -12.69
N THR B 192 10.83 21.35 -11.63
CA THR B 192 12.28 21.31 -11.43
C THR B 192 12.71 19.88 -11.12
N LEU B 193 14.02 19.65 -11.21
CA LEU B 193 14.54 18.32 -10.96
C LEU B 193 14.21 17.84 -9.55
N GLN B 194 14.30 18.73 -8.56
CA GLN B 194 13.96 18.33 -7.20
C GLN B 194 12.46 18.12 -7.06
N GLN B 195 11.67 18.93 -7.76
CA GLN B 195 10.22 18.76 -7.74
C GLN B 195 9.82 17.42 -8.36
N GLN B 196 10.58 16.97 -9.35
CA GLN B 196 10.27 15.70 -10.02
C GLN B 196 10.37 14.53 -9.04
N HIS B 197 11.53 14.35 -8.39
CA HIS B 197 11.63 13.22 -7.47
C HIS B 197 10.69 13.38 -6.27
N GLN B 198 10.38 14.60 -5.87
CA GLN B 198 9.45 14.77 -4.76
C GLN B 198 8.03 14.36 -5.15
N ARG B 199 7.60 14.75 -6.36
CA ARG B 199 6.27 14.38 -6.81
C ARG B 199 6.16 12.89 -7.09
N LEU B 200 7.19 12.31 -7.73
CA LEU B 200 7.23 10.87 -7.94
C LEU B 200 6.99 10.15 -6.62
N ALA B 201 7.68 10.57 -5.56
CA ALA B 201 7.52 9.94 -4.25
C ALA B 201 6.11 10.12 -3.71
N GLN B 202 5.56 11.34 -3.79
CA GLN B 202 4.21 11.60 -3.30
C GLN B 202 3.19 10.71 -4.01
N LEU B 203 3.33 10.57 -5.34
CA LEU B 203 2.40 9.74 -6.10
C LEU B 203 2.52 8.27 -5.69
N LEU B 204 3.75 7.77 -5.57
CA LEU B 204 3.94 6.35 -5.27
C LEU B 204 3.55 6.03 -3.82
N LEU B 205 3.67 7.00 -2.91
CA LEU B 205 3.26 6.72 -1.54
C LEU B 205 1.75 6.57 -1.42
N ILE B 206 1.00 7.20 -2.33
CA ILE B 206 -0.45 7.03 -2.28
C ILE B 206 -0.84 5.61 -2.60
N LEU B 207 0.01 4.88 -3.35
CA LEU B 207 -0.30 3.49 -3.67
C LEU B 207 -0.33 2.63 -2.41
N SER B 208 0.41 3.00 -1.37
N SER B 208 0.39 3.01 -1.36
CA SER B 208 0.31 2.27 -0.12
CA SER B 208 0.31 2.26 -0.11
C SER B 208 -1.07 2.44 0.51
C SER B 208 -1.06 2.44 0.53
N HIS B 209 -1.64 3.64 0.41
CA HIS B 209 -2.98 3.88 0.94
C HIS B 209 -4.02 3.15 0.10
N ILE B 210 -3.78 3.08 -1.22
CA ILE B 210 -4.67 2.32 -2.09
C ILE B 210 -4.62 0.83 -1.73
N ARG B 211 -3.46 0.30 -1.44
CA ARG B 211 -3.42 -1.13 -1.03
C ARG B 211 -4.24 -1.31 0.25
N HIS B 212 -4.11 -0.36 1.18
CA HIS B 212 -4.81 -0.49 2.45
C HIS B 212 -6.32 -0.49 2.24
N MET B 213 -6.79 0.42 1.41
CA MET B 213 -8.24 0.50 1.11
C MET B 213 -8.72 -0.79 0.43
N SER B 214 -7.95 -1.30 -0.50
CA SER B 214 -8.32 -2.54 -1.14
C SER B 214 -8.44 -3.68 -0.13
N ASN B 215 -7.47 -3.76 0.79
CA ASN B 215 -7.50 -4.81 1.80
C ASN B 215 -8.74 -4.69 2.67
N LYS B 216 -9.08 -3.46 3.08
CA LYS B 216 -10.29 -3.25 3.88
C LYS B 216 -11.54 -3.54 3.05
N GLY B 217 -11.55 -3.10 1.78
CA GLY B 217 -12.68 -3.38 0.91
C GLY B 217 -12.87 -4.87 0.66
N MET B 218 -11.77 -5.61 0.70
CA MET B 218 -11.84 -7.01 0.33
C MET B 218 -12.38 -7.79 1.53
N GLU B 219 -11.98 -7.39 2.74
CA GLU B 219 -12.56 -7.97 3.95
C GLU B 219 -14.03 -7.62 4.09
N HIS B 220 -14.41 -6.41 3.68
CA HIS B 220 -15.81 -6.03 3.71
C HIS B 220 -16.63 -6.90 2.76
N LEU B 221 -16.15 -7.06 1.53
CA LEU B 221 -16.86 -7.90 0.58
C LEU B 221 -17.00 -9.31 1.10
N TYR B 222 -15.96 -9.83 1.74
CA TYR B 222 -16.02 -11.16 2.33
C TYR B 222 -17.10 -11.23 3.41
N SER B 223 -17.20 -10.19 4.23
CA SER B 223 -18.25 -10.17 5.24
C SER B 223 -19.64 -10.14 4.61
N MET B 224 -19.79 -9.47 3.46
CA MET B 224 -21.09 -9.43 2.80
C MET B 224 -21.46 -10.80 2.25
N LYS B 225 -20.50 -11.48 1.62
CA LYS B 225 -20.61 -12.88 1.25
C LYS B 225 -21.07 -13.73 2.42
N CYS B 226 -20.35 -13.67 3.53
CA CYS B 226 -20.55 -14.67 4.55
C CYS B 226 -21.77 -14.42 5.40
N LYS B 227 -22.38 -13.24 5.28
CA LYS B 227 -23.67 -12.92 5.88
C LYS B 227 -24.81 -13.06 4.89
N ASN B 228 -24.53 -13.51 3.66
CA ASN B 228 -25.56 -13.69 2.63
C ASN B 228 -26.29 -12.39 2.34
N VAL B 229 -25.55 -11.27 2.29
CA VAL B 229 -26.19 -9.98 2.05
C VAL B 229 -26.53 -9.81 0.58
N VAL B 230 -25.65 -10.25 -0.30
CA VAL B 230 -25.81 -10.02 -1.74
C VAL B 230 -25.20 -11.26 -2.41
N PRO B 231 -25.76 -11.73 -3.54
CA PRO B 231 -25.10 -12.81 -4.26
C PRO B 231 -24.01 -12.25 -5.18
N LEU B 232 -22.83 -12.83 -5.06
CA LEU B 232 -21.68 -12.41 -5.85
C LEU B 232 -21.69 -13.20 -7.16
N SER B 233 -21.28 -12.54 -8.25
CA SER B 233 -21.13 -13.27 -9.50
C SER B 233 -20.04 -14.34 -9.36
N ASP B 234 -20.05 -15.28 -10.31
CA ASP B 234 -19.03 -16.32 -10.30
C ASP B 234 -17.63 -15.71 -10.34
N LEU B 235 -17.44 -14.73 -11.22
CA LEU B 235 -16.16 -14.05 -11.34
C LEU B 235 -15.75 -13.40 -10.02
N LEU B 236 -16.66 -12.64 -9.42
CA LEU B 236 -16.29 -11.92 -8.22
C LEU B 236 -16.03 -12.88 -7.05
N LEU B 237 -16.77 -14.00 -6.99
CA LEU B 237 -16.47 -15.04 -5.99
C LEU B 237 -15.05 -15.58 -6.16
N GLU B 238 -14.64 -15.81 -7.41
CA GLU B 238 -13.29 -16.33 -7.61
C GLU B 238 -12.22 -15.28 -7.33
N MET B 239 -12.48 -14.01 -7.69
CA MET B 239 -11.55 -12.92 -7.39
C MET B 239 -11.39 -12.75 -5.89
N LEU B 240 -12.50 -12.79 -5.16
CA LEU B 240 -12.45 -12.69 -3.70
C LEU B 240 -11.70 -13.88 -3.09
N ASP B 241 -11.90 -15.06 -3.65
CA ASP B 241 -11.34 -16.29 -3.10
C ASP B 241 -9.83 -16.32 -3.25
N ALA B 242 -9.28 -15.62 -4.25
CA ALA B 242 -7.84 -15.53 -4.42
C ALA B 242 -7.16 -14.78 -3.27
N HIS B 243 -7.95 -14.09 -2.48
CA HIS B 243 -7.40 -13.33 -1.33
C HIS B 243 -7.42 -14.15 -0.02
N LYS C 2 -4.10 6.48 26.18
CA LYS C 2 -3.91 5.18 26.82
C LYS C 2 -2.41 4.89 26.97
N ILE C 3 -2.03 3.61 26.92
CA ILE C 3 -0.64 3.24 27.21
C ILE C 3 0.31 3.98 26.27
N LEU C 4 -0.02 4.00 24.97
CA LEU C 4 0.84 4.65 23.99
C LEU C 4 1.05 6.12 24.32
N HIS C 5 0.00 6.80 24.78
CA HIS C 5 0.12 8.17 25.24
C HIS C 5 1.16 8.26 26.36
N ARG C 6 1.05 7.38 27.35
CA ARG C 6 2.00 7.38 28.46
C ARG C 6 3.41 7.07 27.97
N LEU C 7 3.54 6.18 26.96
CA LEU C 7 4.87 5.84 26.47
C LEU C 7 5.50 6.98 25.68
N LEU C 8 4.73 7.73 24.90
CA LEU C 8 5.35 8.89 24.19
C LEU C 8 5.70 10.02 25.17
N HIS D 1 -12.19 -24.31 -15.47
CA HIS D 1 -11.03 -23.57 -14.97
C HIS D 1 -11.46 -22.21 -14.45
N LYS D 2 -10.49 -21.42 -13.97
CA LYS D 2 -10.80 -20.09 -13.49
C LYS D 2 -11.49 -19.29 -14.58
N ILE D 3 -12.60 -18.64 -14.22
CA ILE D 3 -13.26 -17.70 -15.13
C ILE D 3 -12.26 -16.70 -15.69
N LEU D 4 -11.40 -16.17 -14.82
CA LEU D 4 -10.45 -15.16 -15.25
C LEU D 4 -9.52 -15.69 -16.33
N HIS D 5 -9.12 -16.96 -16.21
CA HIS D 5 -8.20 -17.56 -17.17
C HIS D 5 -8.85 -17.66 -18.54
N ARG D 6 -10.14 -18.00 -18.58
CA ARG D 6 -10.88 -18.03 -19.84
C ARG D 6 -11.09 -16.64 -20.41
N LEU D 7 -11.44 -15.67 -19.55
CA LEU D 7 -11.70 -14.32 -20.00
C LEU D 7 -10.46 -13.66 -20.60
N LEU D 8 -9.28 -14.00 -20.07
CA LEU D 8 -8.05 -13.43 -20.56
C LEU D 8 -7.70 -13.93 -21.96
N GLN D 9 -8.51 -14.84 -22.51
CA GLN D 9 -8.32 -15.38 -23.84
C GLN D 9 -9.34 -14.88 -24.85
N ASP D 10 -10.49 -14.40 -24.39
CA ASP D 10 -11.58 -14.03 -25.30
C ASP D 10 -11.90 -12.53 -25.23
#